data_9HJZ
#
_entry.id   9HJZ
#
_cell.length_a   192.731
_cell.length_b   192.731
_cell.length_c   97.635
_cell.angle_alpha   90.00
_cell.angle_beta   90.00
_cell.angle_gamma   120.00
#
_symmetry.space_group_name_H-M   'P 6 2 2'
#
loop_
_entity.id
_entity.type
_entity.pdbx_description
1 polymer 'Geranylgeranyl pyrophosphate synthase'
2 non-polymer 'CITRIC ACID'
3 water water
#
_entity_poly.entity_id   1
_entity_poly.type   'polypeptide(L)'
_entity_poly.pdbx_seq_one_letter_code
;GSGSGSGMEKTQETVQRILLEPYKYLLQLPGKQVRTKLSQAFNHWLKVPEDKLQIIIEVTEMLHNASLLIDDIEDNSKLR
RGFPVAHSIYGIPSVINSANYVYFLGLEKVLTLDHQDAVKLFTRQLLELHQGQGLDIYWRDNYTCPTEEEYKAMVLQKTG
GLFGLAVGLMQLFSDYKEDLKPLLNTLGLFFQIRDDYANLHSKEYSENKSFCEDLTEGKFSFPTIHAIWSRPESTQVQNI
LRQRTENIDIKKDCVHYLEDVGSFEYTRNTLKELEAKAYKQIDARGGNPELVALVKHLSKMFKEENE
;
_entity_poly.pdbx_strand_id   A,B
#
loop_
_chem_comp.id
_chem_comp.type
_chem_comp.name
_chem_comp.formula
CIT non-polymer 'CITRIC ACID' 'C6 H8 O7'
#
# COMPACT_ATOMS: atom_id res chain seq x y z
N THR A 11 -19.58 5.02 17.31
CA THR A 11 -20.30 5.15 16.04
C THR A 11 -19.34 5.54 14.90
N GLN A 12 -18.16 6.05 15.26
CA GLN A 12 -17.11 6.31 14.29
C GLN A 12 -16.14 5.15 14.17
N GLU A 13 -16.12 4.23 15.15
CA GLU A 13 -15.40 2.98 15.03
C GLU A 13 -15.97 2.07 13.94
N THR A 14 -17.17 2.38 13.44
CA THR A 14 -17.68 1.66 12.29
C THR A 14 -16.79 1.86 11.07
N VAL A 15 -16.18 3.04 10.93
CA VAL A 15 -15.27 3.27 9.81
C VAL A 15 -14.11 2.28 9.85
N GLN A 16 -13.60 1.99 11.05
CA GLN A 16 -12.49 1.07 11.15
C GLN A 16 -12.91 -0.35 10.80
N ARG A 17 -14.12 -0.76 11.19
CA ARG A 17 -14.61 -2.08 10.82
C ARG A 17 -14.76 -2.22 9.32
N ILE A 18 -15.25 -1.17 8.65
CA ILE A 18 -15.42 -1.19 7.21
C ILE A 18 -14.07 -1.34 6.52
N LEU A 19 -13.08 -0.57 6.96
CA LEU A 19 -11.76 -0.60 6.34
C LEU A 19 -11.06 -1.93 6.52
N LEU A 20 -11.38 -2.69 7.57
CA LEU A 20 -10.70 -3.95 7.86
C LEU A 20 -11.52 -5.19 7.49
N GLU A 21 -12.61 -5.03 6.74
CA GLU A 21 -13.40 -6.19 6.35
C GLU A 21 -12.60 -7.24 5.58
N PRO A 22 -11.89 -6.90 4.49
CA PRO A 22 -11.11 -7.95 3.81
C PRO A 22 -10.04 -8.56 4.69
N TYR A 23 -9.36 -7.74 5.49
CA TYR A 23 -8.35 -8.27 6.40
C TYR A 23 -8.95 -9.21 7.43
N LYS A 24 -10.09 -8.83 8.03
CA LYS A 24 -10.73 -9.69 9.03
C LYS A 24 -11.22 -11.00 8.42
N TYR A 25 -11.56 -11.00 7.13
CA TYR A 25 -11.98 -12.25 6.49
C TYR A 25 -10.83 -13.23 6.40
N LEU A 26 -9.63 -12.76 6.06
CA LEU A 26 -8.47 -13.64 6.00
C LEU A 26 -8.06 -14.12 7.38
N LEU A 27 -8.25 -13.30 8.40
CA LEU A 27 -7.95 -13.72 9.76
C LEU A 27 -8.86 -14.86 10.20
N GLN A 28 -10.15 -14.74 9.91
CA GLN A 28 -11.10 -15.78 10.30
C GLN A 28 -10.80 -17.11 9.61
N LEU A 29 -10.10 -17.08 8.48
CA LEU A 29 -9.83 -18.33 7.77
C LEU A 29 -8.91 -19.21 8.63
N PRO A 30 -9.26 -20.48 8.82
CA PRO A 30 -8.44 -21.34 9.66
C PRO A 30 -7.04 -21.49 9.07
N GLY A 31 -6.03 -21.24 9.89
CA GLY A 31 -4.66 -21.30 9.43
C GLY A 31 -3.72 -21.35 10.61
N LYS A 32 -2.57 -22.00 10.40
CA LYS A 32 -1.55 -22.05 11.44
C LYS A 32 -0.98 -20.65 11.68
N GLN A 33 -0.54 -20.41 12.92
CA GLN A 33 0.10 -19.12 13.25
C GLN A 33 1.60 -19.39 13.51
N VAL A 34 2.31 -19.86 12.48
CA VAL A 34 3.75 -20.21 12.66
C VAL A 34 4.50 -18.99 13.24
N ARG A 35 4.28 -17.81 12.66
CA ARG A 35 4.99 -16.59 13.13
C ARG A 35 4.79 -16.43 14.64
N THR A 36 3.61 -16.78 15.16
CA THR A 36 3.35 -16.61 16.58
C THR A 36 4.10 -17.64 17.42
N LYS A 37 3.95 -18.93 17.09
CA LYS A 37 4.63 -20.01 17.81
C LYS A 37 6.13 -19.94 17.62
N LEU A 38 6.58 -19.56 16.43
CA LEU A 38 8.00 -19.34 16.23
C LEU A 38 8.51 -18.24 17.15
N SER A 39 7.78 -17.11 17.19
CA SER A 39 8.22 -16.02 18.04
C SER A 39 8.11 -16.38 19.52
N GLN A 40 7.14 -17.23 19.89
CA GLN A 40 7.09 -17.67 21.28
C GLN A 40 8.24 -18.61 21.60
N ALA A 41 8.66 -19.44 20.63
CA ALA A 41 9.77 -20.36 20.87
C ALA A 41 11.10 -19.62 20.93
N PHE A 42 11.22 -18.50 20.22
CA PHE A 42 12.43 -17.71 20.27
C PHE A 42 12.56 -16.95 21.59
N ASN A 43 11.46 -16.74 22.30
CA ASN A 43 11.54 -16.08 23.60
C ASN A 43 12.11 -17.00 24.68
N HIS A 44 12.26 -18.29 24.39
CA HIS A 44 13.01 -19.17 25.28
C HIS A 44 14.44 -18.69 25.46
N TRP A 45 15.01 -18.05 24.44
CA TRP A 45 16.33 -17.45 24.48
C TRP A 45 16.28 -15.96 24.83
N LEU A 46 15.40 -15.20 24.18
CA LEU A 46 15.47 -13.75 24.27
C LEU A 46 14.86 -13.22 25.56
N LYS A 47 13.86 -13.91 26.11
CA LYS A 47 13.27 -13.57 27.42
C LYS A 47 12.70 -12.15 27.44
N VAL A 48 11.97 -11.81 26.38
CA VAL A 48 11.33 -10.51 26.27
C VAL A 48 10.19 -10.42 27.26
N PRO A 49 9.95 -9.28 27.90
CA PRO A 49 8.77 -9.15 28.76
C PRO A 49 7.50 -9.35 27.96
N GLU A 50 6.52 -10.00 28.59
CA GLU A 50 5.33 -10.45 27.87
C GLU A 50 4.55 -9.29 27.26
N ASP A 51 4.56 -8.13 27.91
CA ASP A 51 3.84 -6.96 27.38
C ASP A 51 4.42 -6.52 26.04
N LYS A 52 5.76 -6.48 25.92
CA LYS A 52 6.38 -6.11 24.65
C LYS A 52 6.25 -7.23 23.63
N LEU A 53 6.35 -8.48 24.08
CA LEU A 53 6.25 -9.60 23.15
C LEU A 53 4.89 -9.62 22.46
N GLN A 54 3.82 -9.29 23.21
CA GLN A 54 2.48 -9.27 22.61
C GLN A 54 2.37 -8.24 21.51
N ILE A 55 2.98 -7.06 21.70
CA ILE A 55 2.94 -6.04 20.66
C ILE A 55 3.71 -6.50 19.44
N ILE A 56 4.85 -7.16 19.65
CA ILE A 56 5.63 -7.65 18.52
C ILE A 56 4.85 -8.72 17.76
N ILE A 57 4.16 -9.62 18.49
CA ILE A 57 3.41 -10.66 17.83
C ILE A 57 2.29 -10.05 16.99
N GLU A 58 1.60 -9.05 17.52
CA GLU A 58 0.51 -8.43 16.79
C GLU A 58 1.00 -7.76 15.51
N VAL A 59 2.11 -7.04 15.59
CA VAL A 59 2.68 -6.41 14.40
C VAL A 59 2.99 -7.46 13.35
N THR A 60 3.62 -8.57 13.77
CA THR A 60 4.06 -9.58 12.82
C THR A 60 2.88 -10.19 12.08
N GLU A 61 1.86 -10.64 12.83
CA GLU A 61 0.70 -11.24 12.20
C GLU A 61 -0.09 -10.23 11.38
N MET A 62 -0.13 -8.97 11.83
CA MET A 62 -0.72 -7.91 11.01
C MET A 62 -0.04 -7.84 9.64
N LEU A 63 1.28 -7.65 9.63
CA LEU A 63 2.00 -7.55 8.37
C LEU A 63 1.89 -8.82 7.55
N HIS A 64 1.83 -9.97 8.23
CA HIS A 64 1.76 -11.23 7.50
C HIS A 64 0.44 -11.38 6.76
N ASN A 65 -0.68 -11.19 7.47
CA ASN A 65 -1.97 -11.33 6.82
C ASN A 65 -2.20 -10.25 5.77
N ALA A 66 -1.66 -9.06 5.97
CA ALA A 66 -1.80 -8.00 4.98
C ALA A 66 -1.00 -8.33 3.72
N SER A 67 0.19 -8.89 3.89
CA SER A 67 0.99 -9.30 2.73
C SER A 67 0.31 -10.43 1.96
N LEU A 68 -0.52 -11.22 2.63
CA LEU A 68 -1.21 -12.30 1.93
C LEU A 68 -2.30 -11.76 1.03
N LEU A 69 -3.02 -10.71 1.47
CA LEU A 69 -4.04 -10.10 0.63
C LEU A 69 -3.42 -9.53 -0.64
N ILE A 70 -2.23 -8.94 -0.53
CA ILE A 70 -1.55 -8.36 -1.68
C ILE A 70 -0.99 -9.45 -2.58
N ASP A 71 -0.39 -10.49 -1.99
CA ASP A 71 0.22 -11.55 -2.78
C ASP A 71 -0.82 -12.22 -3.68
N ASP A 72 -2.01 -12.48 -3.14
CA ASP A 72 -3.06 -13.14 -3.91
C ASP A 72 -3.49 -12.31 -5.12
N ILE A 73 -3.44 -10.99 -5.01
CA ILE A 73 -3.66 -10.14 -6.18
C ILE A 73 -2.47 -10.25 -7.14
N GLU A 74 -1.26 -10.17 -6.60
CA GLU A 74 -0.04 -10.14 -7.40
C GLU A 74 0.26 -11.47 -8.08
N ASP A 75 -0.33 -12.57 -7.63
CA ASP A 75 -0.16 -13.86 -8.27
C ASP A 75 -1.42 -14.33 -9.00
N ASN A 76 -2.50 -13.55 -8.96
CA ASN A 76 -3.79 -13.95 -9.54
C ASN A 76 -4.30 -15.26 -8.93
N SER A 77 -4.00 -15.48 -7.66
CA SER A 77 -4.51 -16.67 -6.98
C SER A 77 -6.03 -16.65 -6.94
N LYS A 78 -6.62 -17.84 -6.95
CA LYS A 78 -8.07 -17.96 -6.83
C LYS A 78 -8.51 -18.36 -5.43
N LEU A 79 -7.70 -19.13 -4.71
CA LEU A 79 -8.07 -19.69 -3.42
C LEU A 79 -6.97 -19.43 -2.40
N ARG A 80 -7.38 -19.31 -1.14
CA ARG A 80 -6.47 -19.26 -0.01
C ARG A 80 -7.12 -19.96 1.18
N ARG A 81 -6.36 -20.83 1.83
CA ARG A 81 -6.85 -21.61 2.97
C ARG A 81 -8.12 -22.37 2.62
N GLY A 82 -8.22 -22.82 1.38
CA GLY A 82 -9.36 -23.57 0.89
C GLY A 82 -10.56 -22.73 0.47
N PHE A 83 -10.53 -21.43 0.73
CA PHE A 83 -11.67 -20.55 0.51
C PHE A 83 -11.32 -19.48 -0.53
N PRO A 84 -12.31 -18.78 -1.07
CA PRO A 84 -12.02 -17.78 -2.11
C PRO A 84 -11.17 -16.64 -1.59
N VAL A 85 -10.33 -16.11 -2.48
CA VAL A 85 -9.48 -14.98 -2.13
C VAL A 85 -10.33 -13.76 -1.81
N ALA A 86 -9.80 -12.88 -0.95
CA ALA A 86 -10.57 -11.75 -0.47
C ALA A 86 -10.97 -10.80 -1.58
N HIS A 87 -10.10 -10.59 -2.57
CA HIS A 87 -10.48 -9.66 -3.64
C HIS A 87 -11.54 -10.27 -4.55
N SER A 88 -11.75 -11.59 -4.50
CA SER A 88 -12.87 -12.19 -5.22
C SER A 88 -14.21 -11.95 -4.52
N ILE A 89 -14.19 -11.44 -3.29
CA ILE A 89 -15.40 -11.17 -2.52
C ILE A 89 -15.61 -9.67 -2.33
N TYR A 90 -14.56 -8.96 -1.94
CA TYR A 90 -14.65 -7.53 -1.63
C TYR A 90 -14.09 -6.64 -2.74
N GLY A 91 -13.55 -7.23 -3.81
CA GLY A 91 -12.99 -6.46 -4.91
C GLY A 91 -11.54 -6.06 -4.68
N ILE A 92 -10.82 -5.89 -5.79
CA ILE A 92 -9.41 -5.50 -5.69
C ILE A 92 -9.24 -4.13 -5.02
N PRO A 93 -10.02 -3.10 -5.36
CA PRO A 93 -9.81 -1.80 -4.68
C PRO A 93 -9.90 -1.88 -3.16
N SER A 94 -10.91 -2.57 -2.62
CA SER A 94 -11.06 -2.61 -1.18
C SER A 94 -9.92 -3.37 -0.52
N VAL A 95 -9.43 -4.42 -1.18
CA VAL A 95 -8.37 -5.22 -0.58
C VAL A 95 -7.06 -4.44 -0.57
N ILE A 96 -6.77 -3.72 -1.64
CA ILE A 96 -5.54 -2.92 -1.68
C ILE A 96 -5.54 -1.91 -0.54
N ASN A 97 -6.65 -1.19 -0.39
CA ASN A 97 -6.73 -0.17 0.66
C ASN A 97 -6.65 -0.80 2.04
N SER A 98 -7.39 -1.88 2.24
CA SER A 98 -7.42 -2.57 3.53
C SER A 98 -6.02 -3.05 3.93
N ALA A 99 -5.35 -3.76 3.02
CA ALA A 99 -4.01 -4.26 3.32
C ALA A 99 -3.05 -3.11 3.62
N ASN A 100 -3.03 -2.09 2.77
CA ASN A 100 -2.11 -0.98 3.01
C ASN A 100 -2.44 -0.26 4.32
N TYR A 101 -3.72 -0.09 4.64
CA TYR A 101 -4.11 0.46 5.93
C TYR A 101 -3.49 -0.32 7.07
N VAL A 102 -3.57 -1.66 7.01
CA VAL A 102 -3.00 -2.50 8.05
C VAL A 102 -1.49 -2.28 8.16
N TYR A 103 -0.82 -2.06 7.02
CA TYR A 103 0.61 -1.75 7.06
C TYR A 103 0.90 -0.57 7.98
N PHE A 104 0.12 0.50 7.86
CA PHE A 104 0.40 1.68 8.65
C PHE A 104 -0.20 1.60 10.05
N LEU A 105 -1.21 0.76 10.26
CA LEU A 105 -1.59 0.40 11.62
C LEU A 105 -0.50 -0.41 12.29
N GLY A 106 0.27 -1.16 11.51
CA GLY A 106 1.40 -1.90 12.08
C GLY A 106 2.55 -0.98 12.46
N LEU A 107 2.80 0.05 11.66
CA LEU A 107 3.80 1.04 12.02
C LEU A 107 3.38 1.81 13.27
N GLU A 108 2.09 2.14 13.37
CA GLU A 108 1.59 2.84 14.55
C GLU A 108 1.78 1.99 15.81
N LYS A 109 1.55 0.68 15.69
CA LYS A 109 1.74 -0.20 16.84
C LYS A 109 3.22 -0.35 17.21
N VAL A 110 4.11 -0.31 16.21
CA VAL A 110 5.54 -0.34 16.49
C VAL A 110 5.95 0.87 17.33
N LEU A 111 5.38 2.03 17.02
CA LEU A 111 5.68 3.22 17.82
C LEU A 111 5.34 3.05 19.29
N THR A 112 4.39 2.16 19.63
CA THR A 112 4.06 1.94 21.03
C THR A 112 5.12 1.14 21.77
N LEU A 113 6.07 0.53 21.05
CA LEU A 113 7.18 -0.15 21.71
C LEU A 113 8.11 0.81 22.43
N ASP A 114 8.07 2.09 22.06
CA ASP A 114 8.89 3.13 22.69
C ASP A 114 10.37 2.79 22.64
N HIS A 115 10.88 2.71 21.42
CA HIS A 115 12.29 2.40 21.22
C HIS A 115 12.75 3.09 19.94
N GLN A 116 13.83 3.87 20.08
CA GLN A 116 14.29 4.69 18.96
C GLN A 116 14.67 3.87 17.75
N ASP A 117 15.17 2.65 17.94
CA ASP A 117 15.64 1.83 16.83
C ASP A 117 14.53 1.01 16.17
N ALA A 118 13.32 1.03 16.72
CA ALA A 118 12.27 0.15 16.22
C ALA A 118 11.82 0.56 14.83
N VAL A 119 11.62 1.86 14.61
CA VAL A 119 11.12 2.32 13.32
C VAL A 119 12.15 2.07 12.23
N LYS A 120 13.43 2.30 12.55
CA LYS A 120 14.48 2.02 11.58
C LYS A 120 14.45 0.55 11.15
N LEU A 121 14.27 -0.36 12.12
CA LEU A 121 14.18 -1.77 11.78
C LEU A 121 12.92 -2.06 10.97
N PHE A 122 11.80 -1.45 11.35
CA PHE A 122 10.55 -1.62 10.61
C PHE A 122 10.72 -1.19 9.16
N THR A 123 11.30 -0.01 8.94
CA THR A 123 11.48 0.48 7.58
C THR A 123 12.38 -0.46 6.78
N ARG A 124 13.49 -0.88 7.37
CA ARG A 124 14.45 -1.71 6.65
C ARG A 124 13.84 -3.04 6.22
N GLN A 125 13.06 -3.67 7.09
CA GLN A 125 12.48 -4.97 6.75
C GLN A 125 11.34 -4.82 5.75
N LEU A 126 10.55 -3.76 5.88
CA LEU A 126 9.48 -3.52 4.91
C LEU A 126 10.05 -3.25 3.53
N LEU A 127 11.20 -2.57 3.46
CA LEU A 127 11.82 -2.34 2.16
C LEU A 127 12.39 -3.63 1.60
N GLU A 128 12.92 -4.50 2.47
CA GLU A 128 13.43 -5.79 2.03
C GLU A 128 12.30 -6.64 1.45
N LEU A 129 11.15 -6.64 2.10
CA LEU A 129 10.02 -7.45 1.64
C LEU A 129 9.55 -7.02 0.25
N HIS A 130 9.48 -5.70 0.02
CA HIS A 130 8.98 -5.25 -1.27
C HIS A 130 10.00 -5.49 -2.37
N GLN A 131 11.28 -5.59 -2.01
CA GLN A 131 12.28 -5.95 -3.01
C GLN A 131 12.19 -7.42 -3.38
N GLY A 132 11.84 -8.27 -2.41
CA GLY A 132 11.66 -9.68 -2.72
C GLY A 132 10.39 -9.92 -3.51
N GLN A 133 9.29 -9.25 -3.13
CA GLN A 133 8.03 -9.40 -3.86
C GLN A 133 8.14 -8.83 -5.26
N GLY A 134 8.95 -7.78 -5.46
CA GLY A 134 9.08 -7.18 -6.77
C GLY A 134 9.89 -8.03 -7.73
N LEU A 135 10.94 -8.69 -7.23
CA LEU A 135 11.67 -9.64 -8.07
C LEU A 135 10.80 -10.81 -8.47
N ASP A 136 10.01 -11.33 -7.53
CA ASP A 136 9.13 -12.44 -7.82
C ASP A 136 8.13 -12.08 -8.92
N ILE A 137 7.62 -10.84 -8.90
CA ILE A 137 6.68 -10.40 -9.93
C ILE A 137 7.39 -10.24 -11.27
N TYR A 138 8.60 -9.68 -11.26
CA TYR A 138 9.34 -9.41 -12.49
C TYR A 138 9.64 -10.70 -13.23
N TRP A 139 10.14 -11.72 -12.52
CA TRP A 139 10.41 -13.01 -13.14
C TRP A 139 9.15 -13.62 -13.73
N ARG A 140 8.04 -13.51 -13.00
CA ARG A 140 6.79 -14.09 -13.49
C ARG A 140 6.29 -13.36 -14.73
N ASP A 141 6.33 -12.03 -14.73
CA ASP A 141 5.82 -11.28 -15.87
C ASP A 141 6.62 -11.55 -17.15
N ASN A 142 7.92 -11.82 -17.02
CA ASN A 142 8.78 -12.04 -18.18
C ASN A 142 9.07 -13.52 -18.43
N TYR A 143 8.46 -14.41 -17.66
CA TYR A 143 8.64 -15.86 -17.81
C TYR A 143 10.11 -16.26 -17.69
N THR A 144 10.91 -15.47 -16.98
CA THR A 144 12.32 -15.81 -16.75
C THR A 144 12.39 -16.53 -15.40
N CYS A 145 12.30 -17.84 -15.47
CA CYS A 145 12.39 -18.66 -14.28
C CYS A 145 13.71 -18.40 -13.55
N PRO A 146 13.70 -18.15 -12.25
CA PRO A 146 14.96 -17.95 -11.54
C PRO A 146 15.72 -19.25 -11.34
N THR A 147 17.03 -19.13 -11.20
CA THR A 147 17.82 -20.26 -10.73
C THR A 147 17.51 -20.51 -9.26
N GLU A 148 17.88 -21.71 -8.81
CA GLU A 148 17.74 -22.03 -7.39
C GLU A 148 18.40 -20.95 -6.52
N GLU A 149 19.64 -20.57 -6.87
CA GLU A 149 20.34 -19.53 -6.11
C GLU A 149 19.53 -18.24 -6.07
N GLU A 150 19.05 -17.78 -7.25
CA GLU A 150 18.30 -16.53 -7.29
C GLU A 150 17.03 -16.62 -6.47
N TYR A 151 16.32 -17.75 -6.58
CA TYR A 151 15.09 -17.94 -5.82
C TYR A 151 15.35 -17.89 -4.31
N LYS A 152 16.40 -18.57 -3.85
CA LYS A 152 16.67 -18.60 -2.42
C LYS A 152 17.05 -17.21 -1.90
N ALA A 153 17.80 -16.44 -2.68
CA ALA A 153 18.08 -15.07 -2.28
C ALA A 153 16.80 -14.24 -2.21
N MET A 154 15.88 -14.49 -3.15
CA MET A 154 14.61 -13.76 -3.15
C MET A 154 13.75 -14.15 -1.96
N VAL A 155 13.81 -15.41 -1.54
CA VAL A 155 12.98 -15.90 -0.44
C VAL A 155 13.44 -15.32 0.89
N LEU A 156 14.76 -15.17 1.07
CA LEU A 156 15.27 -14.63 2.32
C LEU A 156 14.83 -13.19 2.56
N GLN A 157 14.46 -12.48 1.51
CA GLN A 157 13.84 -11.16 1.66
C GLN A 157 12.32 -11.26 1.83
N LYS A 158 11.65 -11.91 0.88
CA LYS A 158 10.19 -11.99 0.87
C LYS A 158 9.61 -12.78 2.02
N THR A 159 10.38 -13.66 2.63
CA THR A 159 9.91 -14.45 3.77
C THR A 159 10.75 -14.24 5.01
N GLY A 160 12.06 -14.08 4.86
CA GLY A 160 12.90 -13.78 6.00
C GLY A 160 12.71 -12.37 6.51
N GLY A 161 12.32 -11.43 5.62
CA GLY A 161 12.10 -10.06 6.04
C GLY A 161 11.11 -9.94 7.19
N LEU A 162 10.10 -10.81 7.20
CA LEU A 162 9.12 -10.79 8.27
C LEU A 162 9.62 -11.54 9.50
N PHE A 163 10.26 -12.70 9.31
CA PHE A 163 10.89 -13.36 10.45
C PHE A 163 11.94 -12.47 11.09
N GLY A 164 12.65 -11.70 10.27
CA GLY A 164 13.71 -10.84 10.78
C GLY A 164 13.18 -9.62 11.49
N LEU A 165 11.97 -9.18 11.16
CA LEU A 165 11.37 -8.09 11.90
C LEU A 165 11.00 -8.55 13.31
N ALA A 166 10.41 -9.74 13.43
CA ALA A 166 9.95 -10.22 14.71
C ALA A 166 11.11 -10.43 15.68
N VAL A 167 12.12 -11.18 15.25
CA VAL A 167 13.27 -11.43 16.11
C VAL A 167 14.09 -10.16 16.32
N GLY A 168 14.14 -9.28 15.31
CA GLY A 168 14.88 -8.04 15.46
C GLY A 168 14.29 -7.13 16.53
N LEU A 169 12.97 -7.00 16.53
CA LEU A 169 12.29 -6.23 17.57
C LEU A 169 12.42 -6.90 18.93
N MET A 170 12.32 -8.23 18.98
CA MET A 170 12.56 -8.93 20.24
C MET A 170 13.97 -8.67 20.74
N GLN A 171 14.93 -8.56 19.84
CA GLN A 171 16.32 -8.29 20.23
C GLN A 171 16.49 -6.89 20.78
N LEU A 172 15.60 -5.96 20.44
CA LEU A 172 15.65 -4.63 21.05
C LEU A 172 15.32 -4.66 22.53
N PHE A 173 14.65 -5.70 23.01
CA PHE A 173 14.22 -5.79 24.41
C PHE A 173 14.82 -7.03 25.08
N SER A 174 16.07 -7.32 24.78
CA SER A 174 16.74 -8.52 25.28
C SER A 174 18.24 -8.27 25.33
N ASP A 175 18.89 -8.91 26.31
CA ASP A 175 20.34 -8.91 26.45
C ASP A 175 21.00 -10.12 25.77
N TYR A 176 20.21 -11.06 25.27
CA TYR A 176 20.73 -12.17 24.50
C TYR A 176 21.42 -11.65 23.24
N LYS A 177 22.72 -11.92 23.13
CA LYS A 177 23.52 -11.35 22.04
C LYS A 177 24.09 -12.41 21.10
N GLU A 178 23.57 -13.63 21.14
CA GLU A 178 24.02 -14.66 20.20
C GLU A 178 23.42 -14.42 18.81
N ASP A 179 24.16 -14.84 17.80
CA ASP A 179 23.75 -14.62 16.41
C ASP A 179 22.67 -15.62 16.00
N LEU A 180 21.50 -15.11 15.67
CA LEU A 180 20.38 -15.95 15.23
C LEU A 180 20.12 -15.85 13.73
N LYS A 181 20.88 -15.05 12.99
CA LYS A 181 20.64 -14.92 11.56
C LYS A 181 20.83 -16.22 10.78
N PRO A 182 21.83 -17.06 11.05
CA PRO A 182 21.91 -18.34 10.31
C PRO A 182 20.69 -19.22 10.52
N LEU A 183 20.20 -19.34 11.77
CA LEU A 183 19.02 -20.13 12.03
C LEU A 183 17.79 -19.53 11.35
N LEU A 184 17.69 -18.20 11.33
CA LEU A 184 16.55 -17.56 10.68
C LEU A 184 16.57 -17.78 9.17
N ASN A 185 17.75 -17.72 8.56
CA ASN A 185 17.84 -18.00 7.13
C ASN A 185 17.42 -19.44 6.84
N THR A 186 17.86 -20.37 7.68
CA THR A 186 17.46 -21.77 7.50
C THR A 186 15.94 -21.92 7.63
N LEU A 187 15.36 -21.37 8.69
CA LEU A 187 13.92 -21.52 8.90
C LEU A 187 13.12 -20.84 7.80
N GLY A 188 13.62 -19.72 7.27
CA GLY A 188 12.90 -19.04 6.20
C GLY A 188 12.86 -19.85 4.92
N LEU A 189 14.01 -20.37 4.49
CA LEU A 189 14.02 -21.26 3.34
C LEU A 189 13.17 -22.49 3.58
N PHE A 190 13.24 -23.04 4.79
CA PHE A 190 12.48 -24.24 5.12
C PHE A 190 10.99 -24.01 4.96
N PHE A 191 10.48 -22.93 5.55
CA PHE A 191 9.04 -22.69 5.55
C PHE A 191 8.53 -22.40 4.13
N GLN A 192 9.33 -21.71 3.33
CA GLN A 192 8.92 -21.39 1.96
C GLN A 192 8.91 -22.63 1.07
N ILE A 193 10.00 -23.40 1.07
CA ILE A 193 10.02 -24.61 0.25
C ILE A 193 8.95 -25.58 0.69
N ARG A 194 8.64 -25.60 1.98
CA ARG A 194 7.59 -26.50 2.46
C ARG A 194 6.22 -26.07 1.93
N ASP A 195 5.96 -24.78 1.85
CA ASP A 195 4.70 -24.27 1.28
C ASP A 195 4.67 -24.51 -0.23
N ASP A 196 5.81 -24.38 -0.92
CA ASP A 196 5.89 -24.72 -2.34
C ASP A 196 5.56 -26.19 -2.57
N TYR A 197 6.09 -27.07 -1.72
CA TYR A 197 5.84 -28.50 -1.86
C TYR A 197 4.38 -28.83 -1.61
N ALA A 198 3.78 -28.23 -0.59
CA ALA A 198 2.42 -28.60 -0.21
C ALA A 198 1.41 -28.18 -1.28
N ASN A 199 1.60 -26.99 -1.86
CA ASN A 199 0.62 -26.50 -2.84
C ASN A 199 0.63 -27.36 -4.10
N LEU A 200 1.79 -27.86 -4.50
CA LEU A 200 1.88 -28.66 -5.73
C LEU A 200 1.72 -30.15 -5.48
N HIS A 201 2.06 -30.63 -4.29
CA HIS A 201 1.82 -32.02 -3.94
C HIS A 201 0.41 -32.17 -3.38
N SER A 202 0.04 -33.39 -3.00
CA SER A 202 -1.30 -33.67 -2.50
C SER A 202 -1.56 -33.01 -1.13
N SER A 210 -1.43 -28.23 -10.23
CA SER A 210 -0.77 -29.00 -11.28
C SER A 210 0.55 -28.36 -11.70
N PHE A 211 1.51 -29.20 -12.10
CA PHE A 211 2.81 -28.70 -12.57
C PHE A 211 2.65 -27.89 -13.83
N CYS A 212 1.88 -28.41 -14.79
CA CYS A 212 1.75 -27.76 -16.08
C CYS A 212 1.02 -26.44 -15.96
N GLU A 213 0.11 -26.31 -15.00
CA GLU A 213 -0.62 -25.06 -14.81
C GLU A 213 0.32 -23.93 -14.41
N ASP A 214 1.05 -24.11 -13.32
CA ASP A 214 1.98 -23.08 -12.86
C ASP A 214 3.05 -22.80 -13.91
N LEU A 215 3.51 -23.83 -14.60
CA LEU A 215 4.49 -23.64 -15.67
C LEU A 215 3.91 -22.79 -16.81
N THR A 216 2.73 -23.18 -17.31
CA THR A 216 2.11 -22.43 -18.40
C THR A 216 1.86 -20.98 -18.00
N GLU A 217 1.51 -20.75 -16.72
CA GLU A 217 1.21 -19.43 -16.21
C GLU A 217 2.44 -18.69 -15.68
N GLY A 218 3.61 -19.32 -15.69
CA GLY A 218 4.82 -18.66 -15.24
C GLY A 218 4.99 -18.55 -13.74
N LYS A 219 4.30 -19.38 -12.96
CA LYS A 219 4.41 -19.36 -11.50
C LYS A 219 5.59 -20.23 -11.10
N PHE A 220 6.65 -19.59 -10.61
CA PHE A 220 7.92 -20.28 -10.33
C PHE A 220 8.03 -20.56 -8.84
N SER A 221 8.14 -21.84 -8.50
CA SER A 221 8.35 -22.28 -7.13
C SER A 221 9.42 -23.35 -7.14
N PHE A 222 9.86 -23.76 -5.95
CA PHE A 222 10.99 -24.68 -5.84
C PHE A 222 10.82 -25.93 -6.71
N PRO A 223 9.70 -26.66 -6.65
CA PRO A 223 9.59 -27.87 -7.51
C PRO A 223 9.61 -27.54 -9.00
N THR A 224 8.88 -26.51 -9.43
CA THR A 224 8.88 -26.16 -10.85
C THR A 224 10.22 -25.61 -11.30
N ILE A 225 10.94 -24.91 -10.41
CA ILE A 225 12.27 -24.42 -10.76
C ILE A 225 13.20 -25.59 -11.07
N HIS A 226 13.11 -26.65 -10.27
CA HIS A 226 13.91 -27.83 -10.55
C HIS A 226 13.52 -28.46 -11.88
N ALA A 227 12.22 -28.52 -12.18
CA ALA A 227 11.76 -29.10 -13.43
C ALA A 227 12.35 -28.39 -14.64
N ILE A 228 12.39 -27.06 -14.61
CA ILE A 228 12.92 -26.29 -15.73
C ILE A 228 14.43 -26.53 -15.87
N TRP A 229 15.19 -26.24 -14.82
CA TRP A 229 16.65 -26.28 -14.88
C TRP A 229 17.24 -27.69 -14.75
N SER A 230 16.44 -28.75 -14.78
CA SER A 230 16.96 -30.12 -14.76
C SER A 230 17.31 -30.64 -16.15
N ARG A 231 17.01 -29.86 -17.19
CA ARG A 231 17.19 -30.22 -18.58
C ARG A 231 18.18 -29.23 -19.18
N PRO A 232 18.55 -29.33 -20.50
CA PRO A 232 19.31 -28.24 -21.14
C PRO A 232 18.88 -26.86 -20.69
N GLU A 233 17.58 -26.56 -20.85
CA GLU A 233 17.02 -25.33 -20.30
C GLU A 233 17.87 -24.12 -20.65
N SER A 234 17.90 -23.78 -21.94
CA SER A 234 18.54 -22.53 -22.37
C SER A 234 17.40 -21.51 -22.46
N THR A 235 17.10 -20.92 -21.30
CA THR A 235 16.16 -19.83 -21.13
C THR A 235 16.88 -18.50 -21.30
N GLN A 236 18.00 -18.48 -22.03
CA GLN A 236 18.70 -17.23 -22.28
C GLN A 236 18.04 -16.38 -23.36
N VAL A 237 17.33 -17.01 -24.30
CA VAL A 237 16.47 -16.22 -25.20
C VAL A 237 15.53 -15.35 -24.37
N GLN A 238 14.92 -15.92 -23.34
CA GLN A 238 13.99 -15.14 -22.54
C GLN A 238 14.71 -14.10 -21.69
N ASN A 239 15.85 -14.47 -21.10
CA ASN A 239 16.61 -13.55 -20.28
C ASN A 239 17.17 -12.39 -21.08
N ILE A 240 17.46 -12.60 -22.37
CA ILE A 240 17.93 -11.51 -23.23
C ILE A 240 16.85 -10.51 -23.57
N LEU A 241 15.60 -10.79 -23.21
CA LEU A 241 14.48 -9.88 -23.46
C LEU A 241 14.20 -8.95 -22.27
N ARG A 242 14.95 -9.09 -21.19
CA ARG A 242 14.66 -8.35 -19.96
C ARG A 242 15.99 -7.93 -19.33
N GLN A 243 15.89 -7.31 -18.14
CA GLN A 243 17.02 -6.85 -17.35
C GLN A 243 17.73 -7.97 -16.60
N ARG A 244 17.25 -9.20 -16.70
CA ARG A 244 18.06 -10.30 -16.26
C ARG A 244 19.19 -10.51 -17.26
N THR A 245 20.16 -11.34 -16.88
CA THR A 245 21.23 -11.78 -17.76
C THR A 245 21.45 -13.28 -17.53
N GLU A 246 22.28 -13.88 -18.39
CA GLU A 246 22.93 -15.21 -18.14
C GLU A 246 21.90 -16.28 -17.87
N TYR A 257 18.97 -29.62 -9.30
CA TYR A 257 19.22 -29.53 -10.73
C TYR A 257 20.49 -30.30 -11.14
N LEU A 258 20.86 -31.33 -10.36
CA LEU A 258 22.08 -32.09 -10.62
C LEU A 258 21.76 -33.55 -10.93
N GLU A 259 21.69 -34.40 -9.90
CA GLU A 259 21.39 -35.81 -10.10
C GLU A 259 19.99 -35.99 -10.70
N ASP A 260 19.82 -37.07 -11.46
CA ASP A 260 18.58 -37.36 -12.19
C ASP A 260 17.56 -37.97 -11.21
N VAL A 261 16.78 -37.09 -10.59
CA VAL A 261 15.72 -37.47 -9.66
C VAL A 261 14.50 -36.61 -9.94
N GLY A 262 13.36 -37.03 -9.37
CA GLY A 262 12.14 -36.27 -9.56
C GLY A 262 12.19 -34.92 -8.89
N SER A 263 11.36 -34.00 -9.37
CA SER A 263 11.32 -32.65 -8.79
C SER A 263 10.74 -32.68 -7.37
N PHE A 264 9.67 -33.44 -7.15
CA PHE A 264 9.11 -33.57 -5.81
C PHE A 264 10.09 -34.22 -4.85
N GLU A 265 10.83 -35.22 -5.32
CA GLU A 265 11.80 -35.89 -4.45
C GLU A 265 12.99 -34.98 -4.17
N TYR A 266 13.44 -34.22 -5.18
CA TYR A 266 14.48 -33.22 -4.96
C TYR A 266 14.05 -32.20 -3.92
N THR A 267 12.80 -31.74 -4.02
CA THR A 267 12.26 -30.84 -3.01
C THR A 267 12.20 -31.51 -1.64
N ARG A 268 11.88 -32.81 -1.61
CA ARG A 268 11.82 -33.53 -0.35
C ARG A 268 13.21 -33.69 0.26
N ASN A 269 14.23 -33.92 -0.56
CA ASN A 269 15.58 -34.02 -0.03
C ASN A 269 16.09 -32.66 0.45
N THR A 270 15.79 -31.60 -0.30
CA THR A 270 16.17 -30.27 0.16
C THR A 270 15.53 -29.94 1.50
N LEU A 271 14.26 -30.28 1.67
CA LEU A 271 13.59 -30.03 2.95
C LEU A 271 14.20 -30.87 4.06
N LYS A 272 14.52 -32.14 3.76
CA LYS A 272 15.16 -32.99 4.76
C LYS A 272 16.51 -32.42 5.18
N GLU A 273 17.23 -31.80 4.25
CA GLU A 273 18.51 -31.19 4.60
C GLU A 273 18.30 -29.94 5.47
N LEU A 274 17.27 -29.16 5.17
CA LEU A 274 17.02 -27.95 5.93
C LEU A 274 16.59 -28.27 7.35
N GLU A 275 15.73 -29.28 7.53
CA GLU A 275 15.36 -29.69 8.87
C GLU A 275 16.59 -30.11 9.69
N ALA A 276 17.50 -30.85 9.08
CA ALA A 276 18.70 -31.28 9.80
C ALA A 276 19.59 -30.09 10.13
N LYS A 277 19.74 -29.15 9.19
CA LYS A 277 20.55 -27.96 9.45
C LYS A 277 19.96 -27.14 10.58
N ALA A 278 18.64 -27.02 10.62
CA ALA A 278 17.97 -26.31 11.71
C ALA A 278 18.26 -26.95 13.05
N TYR A 279 18.26 -28.29 13.11
CA TYR A 279 18.51 -28.97 14.38
C TYR A 279 19.92 -28.70 14.87
N LYS A 280 20.91 -28.70 13.96
CA LYS A 280 22.29 -28.45 14.37
C LYS A 280 22.47 -27.02 14.86
N GLN A 281 21.79 -26.07 14.21
CA GLN A 281 21.91 -24.67 14.62
C GLN A 281 21.20 -24.41 15.94
N ILE A 282 20.07 -25.08 16.19
CA ILE A 282 19.42 -24.96 17.49
C ILE A 282 20.32 -25.53 18.58
N ASP A 283 20.92 -26.69 18.31
CA ASP A 283 21.85 -27.29 19.27
C ASP A 283 23.04 -26.37 19.51
N ALA A 284 23.49 -25.66 18.48
CA ALA A 284 24.57 -24.70 18.63
C ALA A 284 24.20 -23.51 19.51
N ARG A 285 22.90 -23.27 19.71
CA ARG A 285 22.43 -22.19 20.58
C ARG A 285 21.93 -22.70 21.92
N GLY A 286 22.40 -23.88 22.34
CA GLY A 286 22.04 -24.42 23.63
C GLY A 286 20.78 -25.26 23.65
N GLY A 287 20.04 -25.31 22.54
CA GLY A 287 18.81 -26.07 22.48
C GLY A 287 17.58 -25.19 22.69
N ASN A 288 16.44 -25.74 22.30
CA ASN A 288 15.16 -25.04 22.37
C ASN A 288 14.07 -26.05 22.06
N PRO A 289 13.54 -26.73 23.09
CA PRO A 289 12.60 -27.83 22.84
C PRO A 289 11.35 -27.43 22.08
N GLU A 290 10.79 -26.25 22.35
CA GLU A 290 9.61 -25.82 21.60
C GLU A 290 9.93 -25.63 20.13
N LEU A 291 11.09 -25.05 19.83
CA LEU A 291 11.47 -24.85 18.44
C LEU A 291 11.67 -26.18 17.73
N VAL A 292 12.39 -27.10 18.38
CA VAL A 292 12.57 -28.44 17.82
C VAL A 292 11.23 -29.11 17.56
N ALA A 293 10.29 -28.98 18.51
CA ALA A 293 8.98 -29.61 18.34
C ALA A 293 8.21 -28.97 17.19
N LEU A 294 8.35 -27.66 17.01
CA LEU A 294 7.68 -26.99 15.90
C LEU A 294 8.23 -27.45 14.56
N VAL A 295 9.55 -27.61 14.46
CA VAL A 295 10.15 -28.09 13.22
C VAL A 295 9.72 -29.53 12.95
N LYS A 296 9.84 -30.40 13.96
CA LYS A 296 9.49 -31.80 13.79
C LYS A 296 8.04 -31.97 13.35
N HIS A 297 7.15 -31.17 13.93
CA HIS A 297 5.73 -31.24 13.54
C HIS A 297 5.55 -30.79 12.10
N LEU A 298 6.15 -29.66 11.73
CA LEU A 298 6.04 -29.19 10.35
C LEU A 298 6.75 -30.13 9.38
N SER A 299 7.75 -30.88 9.86
CA SER A 299 8.51 -31.76 8.97
C SER A 299 7.74 -33.01 8.56
N LYS A 300 6.63 -33.33 9.24
CA LYS A 300 5.85 -34.51 8.87
C LYS A 300 5.24 -34.38 7.47
N MET A 301 5.20 -33.16 6.94
CA MET A 301 4.58 -32.93 5.64
C MET A 301 5.30 -33.66 4.52
N PHE A 302 6.64 -33.74 4.58
CA PHE A 302 7.42 -34.33 3.50
C PHE A 302 8.06 -35.66 3.89
N LYS A 303 7.56 -36.32 4.94
CA LYS A 303 8.17 -37.56 5.41
C LYS A 303 7.24 -38.76 5.26
N THR B 11 22.62 -6.58 -7.54
CA THR B 11 23.39 -5.37 -7.78
C THR B 11 22.69 -4.14 -7.20
N GLN B 12 21.56 -4.37 -6.52
CA GLN B 12 20.84 -3.35 -5.77
C GLN B 12 20.32 -2.21 -6.64
N GLU B 13 21.22 -1.49 -7.34
CA GLU B 13 20.80 -0.45 -8.26
C GLU B 13 19.95 -1.02 -9.39
N THR B 14 20.19 -2.28 -9.76
CA THR B 14 19.35 -2.93 -10.75
C THR B 14 17.96 -3.22 -10.21
N VAL B 15 17.89 -3.79 -9.00
CA VAL B 15 16.61 -4.18 -8.43
C VAL B 15 15.74 -2.95 -8.17
N GLN B 16 16.35 -1.87 -7.70
CA GLN B 16 15.58 -0.66 -7.43
C GLN B 16 15.08 -0.03 -8.73
N ARG B 17 15.81 -0.25 -9.82
CA ARG B 17 15.39 0.26 -11.12
C ARG B 17 14.12 -0.42 -11.59
N ILE B 18 14.08 -1.76 -11.58
CA ILE B 18 12.87 -2.44 -12.04
C ILE B 18 11.72 -2.22 -11.07
N LEU B 19 12.03 -2.03 -9.78
CA LEU B 19 10.97 -1.79 -8.81
C LEU B 19 10.37 -0.40 -8.94
N LEU B 20 11.09 0.56 -9.48
CA LEU B 20 10.57 1.92 -9.60
C LEU B 20 10.08 2.24 -10.99
N GLU B 21 10.07 1.28 -11.90
CA GLU B 21 9.74 1.58 -13.30
C GLU B 21 8.34 2.15 -13.45
N PRO B 22 7.27 1.57 -12.88
CA PRO B 22 5.95 2.21 -13.02
C PRO B 22 5.92 3.61 -12.41
N TYR B 23 6.61 3.80 -11.28
CA TYR B 23 6.64 5.11 -10.66
C TYR B 23 7.36 6.14 -11.53
N LYS B 24 8.43 5.72 -12.22
CA LYS B 24 9.13 6.65 -13.10
C LYS B 24 8.31 7.01 -14.32
N TYR B 25 7.49 6.08 -14.81
CA TYR B 25 6.58 6.39 -15.91
C TYR B 25 5.60 7.49 -15.51
N LEU B 26 5.03 7.38 -14.30
CA LEU B 26 4.06 8.37 -13.86
C LEU B 26 4.70 9.75 -13.67
N LEU B 27 5.96 9.80 -13.22
CA LEU B 27 6.59 11.10 -13.03
C LEU B 27 6.68 11.90 -14.32
N GLN B 28 6.80 11.22 -15.47
CA GLN B 28 6.86 11.92 -16.74
C GLN B 28 5.50 12.43 -17.20
N LEU B 29 4.41 11.86 -16.69
CA LEU B 29 3.09 12.30 -17.09
C LEU B 29 2.83 13.72 -16.59
N PRO B 30 2.00 14.49 -17.28
CA PRO B 30 1.74 15.87 -16.87
C PRO B 30 1.07 15.94 -15.51
N GLY B 31 1.59 16.81 -14.64
CA GLY B 31 1.06 16.99 -13.32
C GLY B 31 0.97 18.46 -12.95
N LYS B 32 0.29 18.72 -11.84
CA LYS B 32 0.05 20.09 -11.40
C LYS B 32 0.90 20.50 -10.21
N GLN B 33 1.30 19.55 -9.36
CA GLN B 33 2.17 19.81 -8.20
C GLN B 33 1.58 20.90 -7.29
N VAL B 34 0.26 20.83 -7.08
CA VAL B 34 -0.40 21.79 -6.21
C VAL B 34 0.15 21.70 -4.79
N ARG B 35 0.50 20.50 -4.33
CA ARG B 35 1.07 20.36 -2.99
C ARG B 35 2.38 21.14 -2.86
N THR B 36 3.19 21.16 -3.92
CA THR B 36 4.36 22.01 -3.88
C THR B 36 3.97 23.48 -3.81
N LYS B 37 2.96 23.89 -4.58
CA LYS B 37 2.55 25.30 -4.61
C LYS B 37 1.87 25.73 -3.32
N LEU B 38 1.23 24.80 -2.61
CA LEU B 38 0.65 25.12 -1.31
C LEU B 38 1.72 25.15 -0.22
N SER B 39 2.70 24.26 -0.31
CA SER B 39 3.78 24.26 0.68
C SER B 39 4.58 25.55 0.60
N GLN B 40 4.90 25.98 -0.62
CA GLN B 40 5.65 27.22 -0.79
C GLN B 40 4.85 28.42 -0.32
N ALA B 41 3.52 28.36 -0.43
CA ALA B 41 2.69 29.46 0.07
C ALA B 41 2.67 29.47 1.59
N PHE B 42 2.61 28.30 2.21
CA PHE B 42 2.62 28.24 3.66
C PHE B 42 3.98 28.61 4.26
N ASN B 43 5.05 28.53 3.47
CA ASN B 43 6.36 28.93 3.98
C ASN B 43 6.44 30.42 4.26
N HIS B 44 5.51 31.21 3.73
CA HIS B 44 5.41 32.61 4.12
C HIS B 44 5.33 32.75 5.63
N TRP B 45 4.59 31.88 6.30
CA TRP B 45 4.52 31.87 7.76
C TRP B 45 5.63 31.03 8.38
N LEU B 46 5.89 29.85 7.83
CA LEU B 46 6.72 28.88 8.54
C LEU B 46 8.21 29.14 8.38
N LYS B 47 8.64 29.71 7.25
CA LYS B 47 10.04 30.10 7.04
C LYS B 47 10.98 28.93 7.35
N VAL B 48 10.70 27.78 6.75
CA VAL B 48 11.45 26.55 7.00
C VAL B 48 12.79 26.64 6.28
N PRO B 49 13.90 26.27 6.94
CA PRO B 49 15.20 26.26 6.25
C PRO B 49 15.15 25.39 5.01
N GLU B 50 15.97 25.77 4.01
CA GLU B 50 15.86 25.16 2.69
C GLU B 50 16.24 23.68 2.71
N ASP B 51 17.19 23.28 3.56
CA ASP B 51 17.58 21.87 3.61
C ASP B 51 16.43 20.99 4.07
N LYS B 52 15.75 21.34 5.18
CA LYS B 52 14.61 20.53 5.57
C LYS B 52 13.47 20.65 4.55
N LEU B 53 13.25 21.84 4.02
CA LEU B 53 12.08 22.06 3.17
C LEU B 53 12.13 21.21 1.91
N GLN B 54 13.31 20.98 1.34
CA GLN B 54 13.37 20.18 0.12
C GLN B 54 13.05 18.71 0.42
N ILE B 55 13.60 18.16 1.52
CA ILE B 55 13.24 16.81 1.95
C ILE B 55 11.74 16.70 2.13
N ILE B 56 11.14 17.67 2.82
CA ILE B 56 9.69 17.65 3.04
C ILE B 56 8.95 17.62 1.70
N ILE B 57 9.39 18.43 0.74
CA ILE B 57 8.67 18.52 -0.53
C ILE B 57 8.84 17.24 -1.34
N GLU B 58 10.06 16.68 -1.34
CA GLU B 58 10.28 15.39 -1.99
C GLU B 58 9.41 14.30 -1.38
N VAL B 59 9.41 14.20 -0.05
CA VAL B 59 8.56 13.25 0.65
C VAL B 59 7.11 13.38 0.19
N THR B 60 6.59 14.61 0.22
CA THR B 60 5.18 14.82 -0.06
C THR B 60 4.83 14.42 -1.50
N GLU B 61 5.68 14.82 -2.45
CA GLU B 61 5.37 14.50 -3.84
C GLU B 61 5.64 13.03 -4.14
N MET B 62 6.64 12.45 -3.48
CA MET B 62 6.82 11.01 -3.52
C MET B 62 5.55 10.29 -3.12
N LEU B 63 5.02 10.61 -1.94
CA LEU B 63 3.83 9.92 -1.45
C LEU B 63 2.61 10.24 -2.30
N HIS B 64 2.51 11.47 -2.80
CA HIS B 64 1.36 11.82 -3.64
C HIS B 64 1.40 11.04 -4.95
N ASN B 65 2.57 10.94 -5.56
CA ASN B 65 2.68 10.23 -6.83
C ASN B 65 2.39 8.75 -6.66
N ALA B 66 2.84 8.17 -5.54
CA ALA B 66 2.54 6.76 -5.29
C ALA B 66 1.05 6.52 -5.12
N SER B 67 0.34 7.48 -4.51
CA SER B 67 -1.09 7.29 -4.29
C SER B 67 -1.87 7.43 -5.60
N LEU B 68 -1.37 8.21 -6.56
CA LEU B 68 -2.01 8.26 -7.87
C LEU B 68 -1.96 6.91 -8.57
N LEU B 69 -0.82 6.23 -8.50
CA LEU B 69 -0.73 4.88 -9.03
C LEU B 69 -1.80 3.98 -8.45
N ILE B 70 -1.98 4.04 -7.13
CA ILE B 70 -2.96 3.19 -6.46
C ILE B 70 -4.37 3.65 -6.79
N ASP B 71 -4.60 4.96 -6.82
CA ASP B 71 -5.93 5.48 -7.14
C ASP B 71 -6.42 4.97 -8.50
N ASP B 72 -5.54 4.98 -9.51
CA ASP B 72 -5.96 4.60 -10.85
C ASP B 72 -6.40 3.15 -10.90
N ILE B 73 -5.76 2.29 -10.12
CA ILE B 73 -6.24 0.92 -9.98
C ILE B 73 -7.58 0.90 -9.26
N GLU B 74 -7.69 1.64 -8.15
CA GLU B 74 -8.89 1.58 -7.33
C GLU B 74 -10.10 2.21 -8.00
N ASP B 75 -9.89 3.09 -8.98
CA ASP B 75 -10.99 3.74 -9.67
C ASP B 75 -11.26 3.15 -11.05
N ASN B 76 -10.53 2.12 -11.43
CA ASN B 76 -10.63 1.52 -12.75
C ASN B 76 -10.40 2.55 -13.86
N SER B 77 -9.53 3.52 -13.62
CA SER B 77 -9.24 4.52 -14.64
C SER B 77 -8.55 3.87 -15.84
N LYS B 78 -8.84 4.42 -17.02
CA LYS B 78 -8.27 3.95 -18.28
C LYS B 78 -7.12 4.82 -18.78
N LEU B 79 -7.19 6.14 -18.57
CA LEU B 79 -6.14 7.07 -18.94
C LEU B 79 -5.81 7.97 -17.77
N ARG B 80 -4.61 8.57 -17.82
CA ARG B 80 -4.18 9.59 -16.87
C ARG B 80 -3.61 10.76 -17.68
N ARG B 81 -4.34 11.87 -17.69
CA ARG B 81 -3.95 13.10 -18.41
C ARG B 81 -3.66 12.83 -19.88
N GLY B 82 -4.51 12.01 -20.50
CA GLY B 82 -4.38 11.69 -21.90
C GLY B 82 -3.52 10.49 -22.22
N PHE B 83 -2.74 10.01 -21.26
CA PHE B 83 -1.82 8.93 -21.53
C PHE B 83 -2.27 7.64 -20.87
N PRO B 84 -1.89 6.49 -21.41
CA PRO B 84 -2.33 5.23 -20.81
C PRO B 84 -1.88 5.12 -19.37
N VAL B 85 -2.75 4.56 -18.54
CA VAL B 85 -2.47 4.44 -17.14
C VAL B 85 -1.37 3.42 -16.90
N ALA B 86 -0.71 3.54 -15.75
CA ALA B 86 0.53 2.78 -15.52
C ALA B 86 0.27 1.28 -15.52
N HIS B 87 -0.77 0.83 -14.83
CA HIS B 87 -1.02 -0.60 -14.80
C HIS B 87 -1.49 -1.15 -16.14
N SER B 88 -1.89 -0.30 -17.09
CA SER B 88 -2.17 -0.78 -18.44
C SER B 88 -0.92 -1.26 -19.15
N ILE B 89 0.23 -0.69 -18.80
CA ILE B 89 1.49 -1.00 -19.46
C ILE B 89 2.32 -1.98 -18.65
N TYR B 90 2.45 -1.74 -17.36
CA TYR B 90 3.28 -2.59 -16.51
C TYR B 90 2.49 -3.65 -15.75
N GLY B 91 1.17 -3.59 -15.77
CA GLY B 91 0.42 -4.61 -15.06
C GLY B 91 0.14 -4.23 -13.62
N ILE B 92 -1.04 -4.66 -13.15
CA ILE B 92 -1.45 -4.35 -11.78
C ILE B 92 -0.42 -4.81 -10.74
N PRO B 93 0.10 -6.05 -10.79
CA PRO B 93 1.03 -6.46 -9.71
C PRO B 93 2.25 -5.59 -9.57
N SER B 94 2.82 -5.10 -10.68
CA SER B 94 4.02 -4.27 -10.58
C SER B 94 3.70 -2.91 -9.99
N VAL B 95 2.56 -2.32 -10.35
CA VAL B 95 2.23 -0.98 -9.87
C VAL B 95 1.96 -1.00 -8.37
N ILE B 96 1.21 -2.00 -7.89
CA ILE B 96 0.99 -2.15 -6.46
C ILE B 96 2.31 -2.21 -5.72
N ASN B 97 3.20 -3.11 -6.15
CA ASN B 97 4.46 -3.28 -5.44
C ASN B 97 5.33 -2.04 -5.55
N SER B 98 5.25 -1.34 -6.68
CA SER B 98 6.05 -0.13 -6.87
C SER B 98 5.55 0.99 -5.98
N ALA B 99 4.24 1.28 -6.04
CA ALA B 99 3.69 2.36 -5.23
C ALA B 99 3.88 2.07 -3.74
N ASN B 100 3.64 0.82 -3.32
CA ASN B 100 3.86 0.46 -1.92
C ASN B 100 5.33 0.58 -1.53
N TYR B 101 6.24 0.23 -2.44
CA TYR B 101 7.65 0.41 -2.16
C TYR B 101 8.00 1.88 -1.97
N VAL B 102 7.36 2.76 -2.73
CA VAL B 102 7.64 4.18 -2.61
C VAL B 102 7.19 4.71 -1.25
N TYR B 103 6.03 4.25 -0.77
CA TYR B 103 5.58 4.61 0.57
C TYR B 103 6.68 4.45 1.60
N PHE B 104 7.34 3.29 1.60
CA PHE B 104 8.36 3.06 2.62
C PHE B 104 9.69 3.72 2.28
N LEU B 105 9.94 4.01 1.01
CA LEU B 105 11.04 4.92 0.70
C LEU B 105 10.77 6.31 1.28
N GLY B 106 9.51 6.76 1.23
CA GLY B 106 9.17 8.03 1.86
C GLY B 106 9.38 8.02 3.36
N LEU B 107 8.95 6.94 4.03
CA LEU B 107 9.20 6.79 5.46
C LEU B 107 10.70 6.81 5.74
N GLU B 108 11.49 6.14 4.89
CA GLU B 108 12.93 6.16 5.06
C GLU B 108 13.48 7.58 4.94
N LYS B 109 12.91 8.37 4.02
CA LYS B 109 13.37 9.74 3.86
C LYS B 109 12.91 10.62 5.01
N VAL B 110 11.72 10.35 5.58
CA VAL B 110 11.26 11.11 6.73
C VAL B 110 12.22 10.95 7.90
N LEU B 111 12.74 9.75 8.09
CA LEU B 111 13.70 9.49 9.16
C LEU B 111 14.97 10.32 9.03
N THR B 112 15.23 10.91 7.87
CA THR B 112 16.40 11.77 7.70
C THR B 112 16.15 13.19 8.20
N LEU B 113 14.91 13.56 8.45
CA LEU B 113 14.63 14.87 9.05
C LEU B 113 15.14 14.96 10.49
N ASP B 114 15.43 13.83 11.13
CA ASP B 114 16.03 13.78 12.46
C ASP B 114 15.16 14.53 13.48
N HIS B 115 13.92 14.05 13.61
CA HIS B 115 12.96 14.63 14.54
C HIS B 115 12.05 13.53 15.06
N GLN B 116 11.89 13.47 16.38
CA GLN B 116 11.13 12.38 17.00
C GLN B 116 9.66 12.41 16.60
N ASP B 117 9.11 13.59 16.34
CA ASP B 117 7.70 13.73 16.02
C ASP B 117 7.38 13.50 14.56
N ALA B 118 8.39 13.49 13.67
CA ALA B 118 8.11 13.39 12.24
C ALA B 118 7.42 12.07 11.89
N VAL B 119 7.92 10.96 12.44
CA VAL B 119 7.33 9.66 12.13
C VAL B 119 5.91 9.57 12.66
N LYS B 120 5.67 10.12 13.86
CA LYS B 120 4.31 10.14 14.39
C LYS B 120 3.38 10.90 13.47
N LEU B 121 3.83 12.01 12.91
CA LEU B 121 3.03 12.74 11.93
C LEU B 121 2.79 11.90 10.68
N PHE B 122 3.88 11.36 10.12
CA PHE B 122 3.77 10.47 8.97
C PHE B 122 2.74 9.38 9.24
N THR B 123 2.86 8.67 10.37
CA THR B 123 1.93 7.59 10.66
C THR B 123 0.49 8.08 10.73
N ARG B 124 0.26 9.24 11.38
CA ARG B 124 -1.12 9.72 11.52
C ARG B 124 -1.69 10.12 10.16
N GLN B 125 -0.92 10.86 9.37
CA GLN B 125 -1.48 11.40 8.14
C GLN B 125 -1.73 10.30 7.11
N LEU B 126 -0.85 9.30 7.04
CA LEU B 126 -1.08 8.19 6.13
C LEU B 126 -2.24 7.31 6.57
N LEU B 127 -2.46 7.21 7.89
CA LEU B 127 -3.65 6.52 8.37
C LEU B 127 -4.92 7.29 8.02
N GLU B 128 -4.85 8.63 8.03
CA GLU B 128 -6.00 9.44 7.64
C GLU B 128 -6.35 9.24 6.16
N LEU B 129 -5.33 9.29 5.30
CA LEU B 129 -5.56 9.17 3.86
C LEU B 129 -6.14 7.82 3.50
N HIS B 130 -5.75 6.75 4.21
CA HIS B 130 -6.30 5.43 3.88
C HIS B 130 -7.73 5.28 4.38
N GLN B 131 -8.11 5.98 5.44
CA GLN B 131 -9.51 5.98 5.85
C GLN B 131 -10.37 6.72 4.84
N GLY B 132 -9.92 7.91 4.41
CA GLY B 132 -10.64 8.62 3.37
C GLY B 132 -10.80 7.79 2.11
N GLN B 133 -9.70 7.30 1.55
CA GLN B 133 -9.75 6.52 0.33
C GLN B 133 -10.58 5.25 0.52
N GLY B 134 -10.56 4.68 1.71
CA GLY B 134 -11.32 3.46 1.96
C GLY B 134 -12.82 3.70 1.96
N LEU B 135 -13.27 4.76 2.64
CA LEU B 135 -14.69 5.12 2.63
C LEU B 135 -15.16 5.40 1.21
N ASP B 136 -14.42 6.23 0.49
CA ASP B 136 -14.78 6.55 -0.89
C ASP B 136 -14.94 5.28 -1.71
N ILE B 137 -14.04 4.32 -1.54
CA ILE B 137 -14.18 3.05 -2.25
C ILE B 137 -15.41 2.29 -1.77
N TYR B 138 -15.58 2.20 -0.45
CA TYR B 138 -16.68 1.42 0.10
C TYR B 138 -18.02 1.96 -0.38
N TRP B 139 -18.23 3.27 -0.31
CA TRP B 139 -19.48 3.87 -0.76
C TRP B 139 -19.77 3.51 -2.21
N ARG B 140 -18.74 3.55 -3.04
CA ARG B 140 -18.95 3.29 -4.46
C ARG B 140 -19.25 1.82 -4.70
N ASP B 141 -18.49 0.92 -4.08
CA ASP B 141 -18.61 -0.51 -4.32
C ASP B 141 -19.81 -1.14 -3.63
N ASN B 142 -20.46 -0.45 -2.70
CA ASN B 142 -21.62 -0.99 -2.02
C ASN B 142 -22.88 -0.19 -2.29
N TYR B 143 -22.84 0.71 -3.27
CA TYR B 143 -24.02 1.44 -3.75
C TYR B 143 -24.66 2.26 -2.63
N THR B 144 -23.83 2.83 -1.77
CA THR B 144 -24.28 3.57 -0.59
C THR B 144 -23.91 5.04 -0.79
N CYS B 145 -24.89 5.85 -1.19
CA CYS B 145 -24.63 7.26 -1.40
C CYS B 145 -24.44 7.95 -0.06
N PRO B 146 -23.36 8.70 0.13
CA PRO B 146 -23.15 9.42 1.39
C PRO B 146 -23.95 10.72 1.44
N THR B 147 -24.15 11.20 2.67
CA THR B 147 -24.70 12.52 2.87
C THR B 147 -23.63 13.57 2.61
N GLU B 148 -24.08 14.83 2.46
CA GLU B 148 -23.12 15.91 2.24
C GLU B 148 -22.14 16.01 3.40
N GLU B 149 -22.63 15.87 4.64
CA GLU B 149 -21.74 15.92 5.80
C GLU B 149 -20.72 14.79 5.74
N GLU B 150 -21.19 13.56 5.48
CA GLU B 150 -20.29 12.41 5.37
C GLU B 150 -19.25 12.62 4.27
N TYR B 151 -19.67 13.14 3.11
CA TYR B 151 -18.73 13.37 2.03
C TYR B 151 -17.65 14.37 2.43
N LYS B 152 -18.06 15.47 3.07
CA LYS B 152 -17.07 16.46 3.51
C LYS B 152 -16.10 15.88 4.52
N ALA B 153 -16.61 15.11 5.49
CA ALA B 153 -15.72 14.50 6.49
C ALA B 153 -14.71 13.57 5.81
N MET B 154 -15.14 12.85 4.79
CA MET B 154 -14.23 11.96 4.07
C MET B 154 -13.17 12.74 3.32
N VAL B 155 -13.57 13.85 2.69
CA VAL B 155 -12.63 14.65 1.91
C VAL B 155 -11.53 15.23 2.79
N LEU B 156 -11.89 15.63 4.02
CA LEU B 156 -10.88 16.16 4.93
C LEU B 156 -9.78 15.14 5.21
N GLN B 157 -10.12 13.85 5.19
CA GLN B 157 -9.13 12.80 5.36
C GLN B 157 -8.38 12.47 4.07
N LYS B 158 -9.10 12.32 2.96
CA LYS B 158 -8.43 11.91 1.72
C LYS B 158 -7.50 13.00 1.21
N THR B 159 -7.94 14.27 1.26
CA THR B 159 -7.13 15.38 0.78
C THR B 159 -6.30 16.01 1.89
N GLY B 160 -6.85 16.11 3.09
CA GLY B 160 -6.07 16.63 4.20
C GLY B 160 -4.90 15.77 4.60
N GLY B 161 -4.86 14.51 4.17
CA GLY B 161 -3.76 13.63 4.49
C GLY B 161 -2.42 14.20 4.10
N LEU B 162 -2.19 14.39 2.80
CA LEU B 162 -0.88 14.86 2.34
C LEU B 162 -0.69 16.34 2.60
N PHE B 163 -1.77 17.13 2.52
CA PHE B 163 -1.67 18.53 2.89
C PHE B 163 -1.15 18.67 4.32
N GLY B 164 -1.76 17.94 5.25
CA GLY B 164 -1.36 18.00 6.65
C GLY B 164 0.00 17.39 6.92
N LEU B 165 0.42 16.45 6.08
CA LEU B 165 1.78 15.92 6.23
C LEU B 165 2.81 16.98 5.87
N ALA B 166 2.60 17.69 4.76
CA ALA B 166 3.57 18.69 4.36
C ALA B 166 3.63 19.83 5.37
N VAL B 167 2.49 20.44 5.66
CA VAL B 167 2.49 21.61 6.56
C VAL B 167 2.90 21.18 7.97
N GLY B 168 2.46 20.01 8.41
CA GLY B 168 2.83 19.55 9.74
C GLY B 168 4.33 19.33 9.90
N LEU B 169 4.95 18.71 8.91
CA LEU B 169 6.40 18.49 8.96
C LEU B 169 7.16 19.81 8.91
N MET B 170 6.67 20.75 8.10
CA MET B 170 7.28 22.07 8.06
C MET B 170 7.25 22.74 9.43
N GLN B 171 6.11 22.69 10.10
CA GLN B 171 5.96 23.38 11.37
C GLN B 171 6.85 22.78 12.46
N LEU B 172 7.30 21.54 12.29
CA LEU B 172 8.27 20.95 13.22
C LEU B 172 9.61 21.67 13.19
N PHE B 173 9.93 22.36 12.09
CA PHE B 173 11.19 23.08 11.94
C PHE B 173 10.96 24.58 11.81
N SER B 174 9.88 25.07 12.41
CA SER B 174 9.49 26.47 12.32
C SER B 174 9.29 27.04 13.71
N ASP B 175 9.44 28.36 13.81
CA ASP B 175 9.09 29.07 15.03
C ASP B 175 7.64 29.49 15.06
N TYR B 176 6.95 29.50 13.92
CA TYR B 176 5.55 29.88 13.85
C TYR B 176 4.72 28.69 14.34
N LYS B 177 4.05 28.87 15.47
CA LYS B 177 3.37 27.76 16.13
C LYS B 177 1.86 27.94 16.15
N GLU B 178 1.33 28.81 15.30
CA GLU B 178 -0.10 29.04 15.34
C GLU B 178 -0.83 27.89 14.65
N ASP B 179 -2.09 27.71 15.04
CA ASP B 179 -2.91 26.62 14.56
C ASP B 179 -3.34 26.88 13.11
N LEU B 180 -2.77 26.13 12.17
CA LEU B 180 -3.12 26.24 10.76
C LEU B 180 -4.13 25.20 10.31
N LYS B 181 -4.56 24.31 11.22
CA LYS B 181 -5.43 23.21 10.82
C LYS B 181 -6.79 23.64 10.28
N PRO B 182 -7.46 24.66 10.83
CA PRO B 182 -8.73 25.08 10.22
C PRO B 182 -8.59 25.56 8.78
N LEU B 183 -7.57 26.38 8.50
CA LEU B 183 -7.34 26.84 7.13
C LEU B 183 -7.10 25.67 6.20
N LEU B 184 -6.31 24.68 6.66
CA LEU B 184 -6.05 23.51 5.82
C LEU B 184 -7.33 22.75 5.50
N ASN B 185 -8.25 22.67 6.47
CA ASN B 185 -9.51 21.98 6.23
C ASN B 185 -10.34 22.69 5.18
N THR B 186 -10.42 24.02 5.28
CA THR B 186 -11.12 24.78 4.24
C THR B 186 -10.49 24.56 2.88
N LEU B 187 -9.16 24.60 2.79
CA LEU B 187 -8.50 24.41 1.51
C LEU B 187 -8.67 23.00 0.98
N GLY B 188 -8.74 22.01 1.88
CA GLY B 188 -9.00 20.66 1.43
C GLY B 188 -10.35 20.52 0.75
N LEU B 189 -11.40 21.03 1.41
CA LEU B 189 -12.73 21.02 0.81
C LEU B 189 -12.76 21.82 -0.49
N PHE B 190 -12.19 23.03 -0.46
CA PHE B 190 -12.18 23.91 -1.63
C PHE B 190 -11.58 23.21 -2.85
N PHE B 191 -10.43 22.56 -2.67
CA PHE B 191 -9.78 21.89 -3.80
C PHE B 191 -10.63 20.74 -4.32
N GLN B 192 -11.11 19.87 -3.43
CA GLN B 192 -11.82 18.68 -3.87
C GLN B 192 -13.13 19.04 -4.55
N ILE B 193 -13.90 19.95 -3.97
CA ILE B 193 -15.20 20.30 -4.54
C ILE B 193 -15.01 21.04 -5.86
N ARG B 194 -13.93 21.83 -5.98
CA ARG B 194 -13.65 22.49 -7.24
C ARG B 194 -13.34 21.47 -8.33
N ASP B 195 -12.66 20.38 -7.97
CA ASP B 195 -12.41 19.32 -8.94
C ASP B 195 -13.70 18.59 -9.31
N ASP B 196 -14.56 18.32 -8.32
CA ASP B 196 -15.86 17.71 -8.59
C ASP B 196 -16.65 18.56 -9.57
N TYR B 197 -16.65 19.88 -9.37
CA TYR B 197 -17.40 20.78 -10.24
C TYR B 197 -16.82 20.77 -11.64
N ALA B 198 -15.50 20.84 -11.77
CA ALA B 198 -14.87 20.89 -13.08
C ALA B 198 -15.13 19.62 -13.87
N ASN B 199 -15.09 18.46 -13.21
CA ASN B 199 -15.25 17.19 -13.91
C ASN B 199 -16.60 17.10 -14.61
N LEU B 200 -17.65 17.65 -13.99
CA LEU B 200 -19.00 17.55 -14.52
C LEU B 200 -19.43 18.78 -15.30
N HIS B 201 -19.08 19.98 -14.82
CA HIS B 201 -19.51 21.21 -15.47
C HIS B 201 -18.68 21.54 -16.71
N SER B 202 -17.62 20.79 -16.98
CA SER B 202 -16.88 21.01 -18.22
C SER B 202 -17.65 20.41 -19.40
N LYS B 203 -17.34 20.92 -20.58
CA LYS B 203 -18.00 20.47 -21.80
C LYS B 203 -17.03 19.72 -22.69
N ASN B 208 -10.85 14.17 -27.67
CA ASN B 208 -9.54 14.44 -27.08
C ASN B 208 -9.60 14.48 -25.55
N LYS B 209 -10.22 15.51 -25.01
CA LYS B 209 -10.34 15.64 -23.56
C LYS B 209 -11.39 14.68 -23.01
N SER B 210 -11.17 14.23 -21.78
CA SER B 210 -12.14 13.36 -21.11
C SER B 210 -13.40 14.13 -20.75
N PHE B 211 -14.49 13.39 -20.53
CA PHE B 211 -15.80 13.99 -20.28
C PHE B 211 -16.49 13.21 -19.18
N CYS B 212 -16.62 13.84 -18.00
CA CYS B 212 -17.39 13.30 -16.88
C CYS B 212 -16.95 11.88 -16.54
N GLU B 213 -15.63 11.70 -16.42
CA GLU B 213 -15.09 10.38 -16.09
C GLU B 213 -15.47 9.91 -14.69
N ASP B 214 -15.87 10.84 -13.81
CA ASP B 214 -16.37 10.44 -12.50
C ASP B 214 -17.70 9.69 -12.62
N LEU B 215 -18.52 10.05 -13.61
CA LEU B 215 -19.73 9.27 -13.87
C LEU B 215 -19.38 7.88 -14.38
N THR B 216 -18.38 7.79 -15.25
CA THR B 216 -17.92 6.49 -15.72
C THR B 216 -17.31 5.67 -14.59
N GLU B 217 -16.58 6.33 -13.69
CA GLU B 217 -16.04 5.68 -12.50
C GLU B 217 -17.11 5.44 -11.43
N GLY B 218 -18.33 5.91 -11.63
CA GLY B 218 -19.41 5.65 -10.69
C GLY B 218 -19.23 6.24 -9.30
N LYS B 219 -18.37 7.23 -9.15
CA LYS B 219 -18.08 7.79 -7.84
C LYS B 219 -19.10 8.88 -7.48
N PHE B 220 -19.41 8.96 -6.19
CA PHE B 220 -20.28 10.03 -5.68
C PHE B 220 -19.44 11.28 -5.51
N SER B 221 -19.69 12.30 -6.33
CA SER B 221 -19.05 13.60 -6.20
C SER B 221 -20.05 14.60 -5.64
N PHE B 222 -19.54 15.78 -5.28
CA PHE B 222 -20.37 16.77 -4.60
C PHE B 222 -21.63 17.13 -5.38
N PRO B 223 -21.59 17.42 -6.68
CA PRO B 223 -22.85 17.78 -7.38
C PRO B 223 -23.84 16.63 -7.45
N THR B 224 -23.37 15.39 -7.67
CA THR B 224 -24.29 14.26 -7.75
C THR B 224 -24.90 13.94 -6.39
N ILE B 225 -24.16 14.18 -5.31
CA ILE B 225 -24.69 13.92 -3.98
C ILE B 225 -25.83 14.88 -3.68
N HIS B 226 -25.66 16.15 -4.03
CA HIS B 226 -26.72 17.12 -3.81
C HIS B 226 -27.99 16.74 -4.56
N ALA B 227 -27.85 16.39 -5.85
CA ALA B 227 -29.02 16.08 -6.65
C ALA B 227 -29.75 14.84 -6.10
N ILE B 228 -28.99 13.86 -5.60
CA ILE B 228 -29.60 12.64 -5.07
C ILE B 228 -30.50 12.96 -3.88
N TRP B 229 -29.97 13.74 -2.93
CA TRP B 229 -30.74 14.01 -1.71
C TRP B 229 -31.71 15.16 -1.88
N SER B 230 -31.48 16.04 -2.85
CA SER B 230 -32.41 17.14 -3.09
C SER B 230 -33.75 16.63 -3.60
N ARG B 231 -33.72 15.71 -4.55
CA ARG B 231 -34.93 15.15 -5.18
C ARG B 231 -34.88 13.64 -5.07
N PRO B 232 -35.14 13.09 -3.88
CA PRO B 232 -35.04 11.64 -3.72
C PRO B 232 -36.11 10.87 -4.48
N GLU B 233 -37.17 11.55 -4.92
CA GLU B 233 -38.21 10.87 -5.70
C GLU B 233 -37.65 10.33 -7.00
N SER B 234 -36.59 10.94 -7.52
CA SER B 234 -35.97 10.56 -8.79
C SER B 234 -34.78 9.65 -8.56
N THR B 235 -34.53 8.77 -9.52
CA THR B 235 -33.41 7.84 -9.47
C THR B 235 -32.51 7.97 -10.69
N GLN B 236 -32.61 9.07 -11.43
CA GLN B 236 -31.86 9.22 -12.68
C GLN B 236 -30.35 9.16 -12.43
N VAL B 237 -29.86 9.92 -11.45
CA VAL B 237 -28.43 9.96 -11.21
C VAL B 237 -27.92 8.60 -10.72
N GLN B 238 -28.71 7.91 -9.89
CA GLN B 238 -28.33 6.58 -9.44
C GLN B 238 -28.21 5.62 -10.61
N ASN B 239 -29.17 5.68 -11.53
CA ASN B 239 -29.17 4.79 -12.69
C ASN B 239 -27.92 4.99 -13.54
N ILE B 240 -27.42 6.22 -13.60
CA ILE B 240 -26.25 6.51 -14.43
C ILE B 240 -24.97 6.08 -13.71
N LEU B 241 -24.87 6.39 -12.42
CA LEU B 241 -23.68 6.00 -11.65
C LEU B 241 -23.55 4.48 -11.58
N ARG B 242 -24.67 3.78 -11.35
CA ARG B 242 -24.62 2.33 -11.27
C ARG B 242 -24.16 1.73 -12.59
N GLN B 243 -24.59 2.32 -13.71
CA GLN B 243 -24.26 1.77 -15.02
C GLN B 243 -22.76 1.75 -15.26
N ARG B 244 -22.01 2.69 -14.66
CA ARG B 244 -20.57 2.81 -14.87
C ARG B 244 -20.22 2.72 -16.35
N THR B 245 -21.02 3.39 -17.16
CA THR B 245 -20.94 3.29 -18.61
C THR B 245 -20.12 4.44 -19.18
N GLU B 246 -19.71 4.27 -20.44
CA GLU B 246 -18.97 5.29 -21.16
C GLU B 246 -19.81 5.93 -22.26
N ASN B 247 -21.13 5.76 -22.18
CA ASN B 247 -22.02 6.37 -23.17
C ASN B 247 -22.03 7.88 -22.98
N ILE B 248 -21.54 8.62 -23.97
CA ILE B 248 -21.42 10.07 -23.85
C ILE B 248 -22.79 10.71 -23.68
N ASP B 249 -23.77 10.25 -24.46
CA ASP B 249 -25.12 10.81 -24.41
C ASP B 249 -25.75 10.60 -23.03
N ILE B 250 -25.57 9.42 -22.43
CA ILE B 250 -26.11 9.17 -21.10
C ILE B 250 -25.44 10.09 -20.08
N LYS B 251 -24.14 10.34 -20.25
CA LYS B 251 -23.45 11.26 -19.36
C LYS B 251 -23.91 12.69 -19.59
N LYS B 252 -24.14 13.08 -20.85
CA LYS B 252 -24.63 14.42 -21.12
C LYS B 252 -26.00 14.65 -20.48
N ASP B 253 -26.87 13.64 -20.53
CA ASP B 253 -28.19 13.77 -19.89
C ASP B 253 -28.04 13.94 -18.38
N CYS B 254 -27.01 13.32 -17.79
CA CYS B 254 -26.78 13.51 -16.36
C CYS B 254 -26.39 14.95 -16.07
N VAL B 255 -25.55 15.54 -16.92
CA VAL B 255 -25.19 16.95 -16.76
C VAL B 255 -26.41 17.84 -16.87
N HIS B 256 -27.27 17.57 -17.85
CA HIS B 256 -28.48 18.36 -18.01
C HIS B 256 -29.38 18.24 -16.77
N TYR B 257 -29.43 17.06 -16.16
CA TYR B 257 -30.23 16.90 -14.95
C TYR B 257 -29.68 17.75 -13.81
N LEU B 258 -28.37 17.63 -13.53
CA LEU B 258 -27.77 18.41 -12.44
C LEU B 258 -27.96 19.90 -12.63
N GLU B 259 -28.11 20.36 -13.87
CA GLU B 259 -28.34 21.77 -14.12
C GLU B 259 -29.76 22.17 -13.72
N ASP B 260 -30.77 21.41 -14.18
CA ASP B 260 -32.15 21.74 -13.84
C ASP B 260 -32.42 21.58 -12.35
N VAL B 261 -31.84 20.55 -11.71
CA VAL B 261 -31.99 20.39 -10.27
C VAL B 261 -31.30 21.51 -9.51
N GLY B 262 -30.39 22.23 -10.16
CA GLY B 262 -29.66 23.30 -9.51
C GLY B 262 -28.46 22.84 -8.72
N SER B 263 -27.89 21.68 -9.04
CA SER B 263 -26.75 21.18 -8.26
C SER B 263 -25.47 21.94 -8.58
N PHE B 264 -25.30 22.35 -9.84
CA PHE B 264 -24.11 23.12 -10.20
C PHE B 264 -24.12 24.47 -9.49
N GLU B 265 -25.28 25.11 -9.39
CA GLU B 265 -25.36 26.36 -8.65
C GLU B 265 -25.08 26.15 -7.17
N TYR B 266 -25.64 25.08 -6.60
CA TYR B 266 -25.37 24.75 -5.20
C TYR B 266 -23.88 24.57 -4.97
N THR B 267 -23.19 23.92 -5.90
CA THR B 267 -21.75 23.72 -5.78
C THR B 267 -21.00 25.04 -5.87
N ARG B 268 -21.41 25.91 -6.80
CA ARG B 268 -20.78 27.23 -6.92
C ARG B 268 -20.96 28.04 -5.65
N ASN B 269 -22.15 28.03 -5.07
CA ASN B 269 -22.37 28.77 -3.84
C ASN B 269 -21.55 28.19 -2.70
N THR B 270 -21.40 26.86 -2.68
CA THR B 270 -20.57 26.24 -1.65
C THR B 270 -19.12 26.67 -1.79
N LEU B 271 -18.62 26.69 -3.03
CA LEU B 271 -17.25 27.09 -3.28
C LEU B 271 -17.03 28.56 -2.96
N LYS B 272 -17.98 29.42 -3.33
CA LYS B 272 -17.89 30.83 -2.98
C LYS B 272 -17.82 31.03 -1.47
N GLU B 273 -18.63 30.26 -0.73
CA GLU B 273 -18.58 30.38 0.73
C GLU B 273 -17.24 29.88 1.27
N LEU B 274 -16.70 28.81 0.69
CA LEU B 274 -15.39 28.32 1.10
C LEU B 274 -14.29 29.33 0.80
N GLU B 275 -14.34 29.92 -0.40
CA GLU B 275 -13.35 30.94 -0.76
C GLU B 275 -13.35 32.09 0.25
N ALA B 276 -14.53 32.49 0.71
CA ALA B 276 -14.62 33.60 1.64
C ALA B 276 -14.08 33.21 3.02
N LYS B 277 -14.35 31.98 3.45
CA LYS B 277 -13.82 31.53 4.73
C LYS B 277 -12.30 31.45 4.70
N ALA B 278 -11.74 31.00 3.57
CA ALA B 278 -10.29 30.95 3.43
C ALA B 278 -9.66 32.34 3.61
N TYR B 279 -10.27 33.36 3.03
CA TYR B 279 -9.72 34.71 3.17
C TYR B 279 -9.77 35.17 4.61
N LYS B 280 -10.86 34.88 5.31
CA LYS B 280 -10.98 35.26 6.72
C LYS B 280 -9.99 34.50 7.58
N GLN B 281 -9.74 33.23 7.25
CA GLN B 281 -8.80 32.43 8.03
C GLN B 281 -7.36 32.81 7.72
N ILE B 282 -7.08 33.22 6.48
CA ILE B 282 -5.72 33.64 6.14
C ILE B 282 -5.37 34.93 6.85
N ASP B 283 -6.34 35.85 6.95
CA ASP B 283 -6.09 37.12 7.61
C ASP B 283 -5.87 36.92 9.11
N ALA B 284 -6.63 35.99 9.72
CA ALA B 284 -6.43 35.71 11.14
C ALA B 284 -5.04 35.19 11.43
N ARG B 285 -4.44 34.48 10.47
CA ARG B 285 -3.09 33.95 10.66
C ARG B 285 -2.02 34.96 10.30
N GLY B 286 -2.40 36.20 9.97
CA GLY B 286 -1.46 37.26 9.67
C GLY B 286 -1.39 37.68 8.22
N GLY B 287 -2.15 37.06 7.34
CA GLY B 287 -2.08 37.40 5.93
C GLY B 287 -1.05 36.57 5.19
N ASN B 288 -1.28 36.41 3.89
CA ASN B 288 -0.40 35.60 3.06
C ASN B 288 -0.70 35.89 1.59
N PRO B 289 -0.06 36.92 1.02
CA PRO B 289 -0.41 37.33 -0.35
C PRO B 289 -0.27 36.20 -1.38
N GLU B 290 0.74 35.34 -1.23
CA GLU B 290 0.88 34.22 -2.16
C GLU B 290 -0.33 33.29 -2.08
N LEU B 291 -0.71 32.89 -0.86
CA LEU B 291 -1.84 31.99 -0.69
C LEU B 291 -3.14 32.64 -1.17
N VAL B 292 -3.32 33.94 -0.89
CA VAL B 292 -4.53 34.64 -1.31
C VAL B 292 -4.63 34.66 -2.83
N ALA B 293 -3.55 35.04 -3.50
CA ALA B 293 -3.54 35.08 -4.95
C ALA B 293 -3.88 33.72 -5.54
N LEU B 294 -3.41 32.65 -4.91
CA LEU B 294 -3.68 31.31 -5.41
C LEU B 294 -5.16 30.96 -5.30
N VAL B 295 -5.78 31.31 -4.17
CA VAL B 295 -7.21 31.04 -3.98
C VAL B 295 -8.04 31.80 -5.01
N LYS B 296 -7.72 33.08 -5.22
CA LYS B 296 -8.48 33.87 -6.18
C LYS B 296 -8.38 33.30 -7.58
N HIS B 297 -7.17 32.90 -7.98
CA HIS B 297 -6.97 32.36 -9.33
C HIS B 297 -7.77 31.09 -9.54
N LEU B 298 -7.86 30.24 -8.51
CA LEU B 298 -8.67 29.03 -8.60
C LEU B 298 -10.16 29.30 -8.48
N SER B 299 -10.55 30.46 -7.94
CA SER B 299 -11.96 30.77 -7.76
C SER B 299 -12.64 31.27 -9.04
N LYS B 300 -11.86 31.63 -10.06
CA LYS B 300 -12.46 32.13 -11.29
C LYS B 300 -13.32 31.07 -11.96
N MET B 301 -12.99 29.79 -11.75
CA MET B 301 -13.69 28.70 -12.41
C MET B 301 -15.20 28.77 -12.20
N PHE B 302 -15.61 29.06 -10.96
CA PHE B 302 -17.03 29.16 -10.63
C PHE B 302 -17.50 30.59 -10.49
N LYS B 303 -16.73 31.56 -10.97
CA LYS B 303 -17.11 32.96 -10.89
C LYS B 303 -17.54 33.50 -12.25
C1 CIT C . 1.19 -19.46 6.13
O1 CIT C . 1.79 -19.25 7.21
O2 CIT C . 1.50 -20.36 5.32
C2 CIT C . 0.00 -18.55 5.75
C3 CIT C . -1.31 -18.67 6.58
O7 CIT C . -1.17 -17.84 7.72
C4 CIT C . -2.56 -18.27 5.75
C5 CIT C . -3.86 -17.89 6.50
O3 CIT C . -3.88 -16.86 7.21
O4 CIT C . -4.87 -18.64 6.31
C6 CIT C . -1.45 -20.16 6.99
O5 CIT C . -1.21 -20.41 8.18
O6 CIT C . -1.79 -20.98 6.11
#